data_5GVJ
#
_entry.id   5GVJ
#
_cell.length_a   84.096
_cell.length_b   115.129
_cell.length_c   67.913
_cell.angle_alpha   90.000
_cell.angle_beta   106.590
_cell.angle_gamma   90.000
#
_symmetry.space_group_name_H-M   'C 1 2 1'
#
loop_
_entity.id
_entity.type
_entity.pdbx_description
1 polymer 'Enoyl-[acyl-carrier-protein] reductase [FMN]'
2 non-polymer 'SODIUM ION'
3 water water
#
_entity_poly.entity_id   1
_entity_poly.type   'polypeptide(L)'
_entity_poly.pdbx_seq_one_letter_code
;MTVRTRVTDLLEIEHPILMGGMAWAGTPTLAAAVSEAGGLGIIGSGAMKPDDLRKAISELRQKTDKPFGVNIILVSPWAD
DLVKVCIEEKVPVVTFGAGNPTKYIRELKENGTKVIPVVASDSLARMVERAGADAVIAEGMESGGHIGEVTTFVLVNKVS
RSVNIPVIAAGGIADGRGMAAAFALGAEAVQMGTRFVASVESDVHPVYKEKIVKASIRDTVVTGAKLGHPARVLRTPFAR
KIQEMEFENPMQAEEMLVGSLRRAVVEGDLERGSFAVGQSAGLIDEIKPVKQIIEDILKEFKETVEKLRGYIEE
;
_entity_poly.pdbx_strand_id   A,B
#
loop_
_chem_comp.id
_chem_comp.type
_chem_comp.name
_chem_comp.formula
NA non-polymer 'SODIUM ION' 'Na 1'
#
# COMPACT_ATOMS: atom_id res chain seq x y z
N THR A 2 18.74 -0.87 -2.30
CA THR A 2 18.73 -1.12 -0.87
C THR A 2 20.13 -1.05 -0.28
N VAL A 3 20.22 -0.60 0.97
CA VAL A 3 21.48 -0.46 1.67
C VAL A 3 21.44 -1.37 2.90
N ARG A 4 22.58 -1.98 3.20
CA ARG A 4 22.69 -2.91 4.31
C ARG A 4 23.53 -2.27 5.41
N THR A 5 23.08 -2.37 6.65
CA THR A 5 23.84 -1.82 7.77
C THR A 5 23.80 -2.81 8.92
N ARG A 6 24.60 -2.54 9.97
CA ARG A 6 24.48 -3.37 11.17
C ARG A 6 23.06 -3.40 11.70
N VAL A 7 22.27 -2.34 11.47
CA VAL A 7 20.93 -2.31 12.04
C VAL A 7 19.99 -3.22 11.24
N THR A 8 20.08 -3.22 9.91
CA THR A 8 19.24 -4.15 9.18
C THR A 8 19.62 -5.59 9.49
N ASP A 9 20.89 -5.86 9.76
CA ASP A 9 21.31 -7.20 10.18
C ASP A 9 20.77 -7.52 11.56
N LEU A 10 20.95 -6.60 12.51
CA LEU A 10 20.49 -6.82 13.88
C LEU A 10 19.00 -7.08 13.91
N LEU A 11 18.22 -6.25 13.21
CA LEU A 11 16.78 -6.29 13.30
C LEU A 11 16.14 -7.23 12.29
N GLU A 12 16.95 -7.77 11.36
CA GLU A 12 16.47 -8.68 10.31
C GLU A 12 15.38 -8.02 9.46
N ILE A 13 15.60 -6.75 9.10
CA ILE A 13 14.71 -6.03 8.22
C ILE A 13 15.50 -5.63 6.97
N GLU A 14 14.76 -5.17 5.97
CA GLU A 14 15.35 -4.86 4.68
C GLU A 14 15.95 -3.46 4.66
N HIS A 15 15.31 -2.49 5.32
CA HIS A 15 15.77 -1.11 5.19
C HIS A 15 16.09 -0.54 6.56
N PRO A 16 17.14 0.31 6.67
CA PRO A 16 17.55 0.86 7.97
C PRO A 16 16.72 2.08 8.38
N ILE A 17 15.40 1.89 8.42
CA ILE A 17 14.44 2.97 8.58
C ILE A 17 13.41 2.55 9.62
N LEU A 18 13.27 3.32 10.69
CA LEU A 18 12.25 3.10 11.70
C LEU A 18 11.23 4.22 11.68
N MET A 19 9.97 3.90 12.00
CA MET A 19 8.98 4.92 12.30
C MET A 19 9.08 5.30 13.77
N GLY A 20 8.31 6.29 14.19
CA GLY A 20 8.42 6.78 15.55
C GLY A 20 7.81 5.94 16.67
N GLY A 21 6.57 5.50 16.49
CA GLY A 21 5.90 4.78 17.57
C GLY A 21 5.49 5.67 18.73
N MET A 22 5.00 6.87 18.43
CA MET A 22 4.42 7.74 19.44
C MET A 22 3.09 7.16 19.94
N ALA A 23 2.69 7.56 21.15
CA ALA A 23 1.38 7.19 21.63
C ALA A 23 0.29 7.74 20.71
N TRP A 24 -0.75 6.93 20.49
CA TRP A 24 -1.90 7.29 19.65
C TRP A 24 -1.56 7.25 18.16
N ALA A 25 -0.42 7.82 17.75
CA ALA A 25 -0.07 7.80 16.33
C ALA A 25 0.60 6.50 15.91
N GLY A 26 1.29 5.83 16.84
CA GLY A 26 1.91 4.55 16.56
C GLY A 26 0.92 3.40 16.62
N THR A 27 -0.03 3.39 15.70
CA THR A 27 -1.06 2.37 15.64
C THR A 27 -0.56 1.11 14.94
N PRO A 28 -1.17 -0.05 15.21
CA PRO A 28 -0.83 -1.25 14.43
C PRO A 28 -1.01 -1.07 12.94
N THR A 29 -1.96 -0.24 12.51
CA THR A 29 -2.16 -0.06 11.08
C THR A 29 -0.98 0.64 10.43
N LEU A 30 -0.46 1.69 11.05
CA LEU A 30 0.73 2.35 10.50
C LEU A 30 1.96 1.48 10.67
N ALA A 31 2.11 0.84 11.83
CA ALA A 31 3.27 -0.01 12.07
C ALA A 31 3.30 -1.19 11.10
N ALA A 32 2.15 -1.81 10.85
CA ALA A 32 2.13 -2.94 9.93
C ALA A 32 2.54 -2.50 8.53
N ALA A 33 2.14 -1.29 8.13
CA ALA A 33 2.50 -0.79 6.80
C ALA A 33 3.99 -0.55 6.68
N VAL A 34 4.61 0.05 7.69
CA VAL A 34 6.05 0.30 7.65
C VAL A 34 6.83 -1.02 7.66
N SER A 35 6.43 -1.97 8.51
CA SER A 35 7.13 -3.25 8.56
C SER A 35 6.99 -4.05 7.27
N GLU A 36 5.77 -4.10 6.71
CA GLU A 36 5.60 -4.84 5.45
C GLU A 36 6.39 -4.20 4.32
N ALA A 37 6.54 -2.86 4.35
CA ALA A 37 7.37 -2.16 3.38
C ALA A 37 8.86 -2.34 3.60
N GLY A 38 9.29 -3.08 4.63
CA GLY A 38 10.70 -3.39 4.80
C GLY A 38 11.44 -2.58 5.86
N GLY A 39 10.79 -1.63 6.50
CA GLY A 39 11.35 -0.90 7.62
C GLY A 39 10.93 -1.53 8.93
N LEU A 40 11.05 -0.76 10.01
CA LEU A 40 10.59 -1.26 11.31
C LEU A 40 9.38 -0.44 11.75
N GLY A 41 8.19 -1.01 11.61
CA GLY A 41 7.03 -0.41 12.22
C GLY A 41 7.09 -0.57 13.73
N ILE A 42 6.50 0.39 14.44
CA ILE A 42 6.62 0.40 15.89
C ILE A 42 5.26 0.77 16.46
N ILE A 43 4.74 -0.08 17.33
CA ILE A 43 3.49 0.18 18.04
C ILE A 43 3.81 1.07 19.24
N GLY A 44 3.15 2.22 19.32
CA GLY A 44 3.33 3.10 20.46
C GLY A 44 2.39 2.74 21.60
N SER A 45 2.94 2.24 22.70
CA SER A 45 2.12 1.76 23.80
C SER A 45 1.94 2.80 24.89
N GLY A 46 2.39 4.05 24.65
CA GLY A 46 2.45 5.03 25.72
C GLY A 46 1.15 5.22 26.45
N ALA A 47 0.02 5.12 25.74
CA ALA A 47 -1.30 5.30 26.31
C ALA A 47 -2.06 3.98 26.45
N MET A 48 -1.36 2.86 26.43
CA MET A 48 -2.00 1.56 26.39
C MET A 48 -1.96 0.87 27.76
N LYS A 49 -3.00 0.09 28.03
CA LYS A 49 -3.01 -0.92 29.08
C LYS A 49 -2.60 -2.26 28.48
N PRO A 50 -2.12 -3.20 29.30
CA PRO A 50 -1.65 -4.48 28.74
C PRO A 50 -2.61 -5.11 27.76
N ASP A 51 -3.92 -5.10 28.05
CA ASP A 51 -4.88 -5.70 27.11
C ASP A 51 -4.84 -5.00 25.76
N ASP A 52 -4.78 -3.66 25.77
CA ASP A 52 -4.69 -2.90 24.53
C ASP A 52 -3.47 -3.30 23.71
N LEU A 53 -2.31 -3.43 24.37
CA LEU A 53 -1.09 -3.82 23.65
C LEU A 53 -1.22 -5.21 23.07
N ARG A 54 -1.76 -6.16 23.84
CA ARG A 54 -1.96 -7.51 23.32
C ARG A 54 -2.76 -7.50 22.03
N LYS A 55 -3.91 -6.81 22.04
CA LYS A 55 -4.73 -6.71 20.83
C LYS A 55 -3.96 -6.05 19.70
N ALA A 56 -3.26 -4.95 20.01
CA ALA A 56 -2.50 -4.23 19.00
C ALA A 56 -1.50 -5.15 18.34
N ILE A 57 -0.79 -5.95 19.12
CA ILE A 57 0.20 -6.87 18.56
C ILE A 57 -0.49 -7.88 17.66
N SER A 58 -1.63 -8.40 18.11
CA SER A 58 -2.37 -9.39 17.31
C SER A 58 -2.80 -8.80 15.97
N GLU A 59 -3.32 -7.58 15.96
CA GLU A 59 -3.79 -7.07 14.67
C GLU A 59 -2.64 -6.72 13.75
N LEU A 60 -1.48 -6.31 14.28
CA LEU A 60 -0.33 -6.11 13.41
C LEU A 60 0.07 -7.42 12.74
N ARG A 61 0.13 -8.51 13.52
CA ARG A 61 0.55 -9.80 12.97
C ARG A 61 -0.48 -10.40 12.00
N GLN A 62 -1.75 -9.98 12.08
CA GLN A 62 -2.69 -10.37 11.04
C GLN A 62 -2.35 -9.75 9.69
N LYS A 63 -1.63 -8.63 9.68
CA LYS A 63 -1.26 -7.97 8.43
C LYS A 63 0.14 -8.35 7.93
N THR A 64 1.14 -8.45 8.80
CA THR A 64 2.50 -8.71 8.35
C THR A 64 3.19 -9.74 9.23
N ASP A 65 4.06 -10.54 8.61
CA ASP A 65 4.93 -11.47 9.32
C ASP A 65 6.31 -10.89 9.63
N LYS A 66 6.57 -9.65 9.21
CA LYS A 66 7.91 -9.08 9.30
C LYS A 66 8.17 -8.46 10.67
N PRO A 67 9.43 -8.20 11.02
CA PRO A 67 9.72 -7.66 12.36
C PRO A 67 9.03 -6.34 12.61
N PHE A 68 8.84 -6.06 13.89
CA PHE A 68 8.18 -4.84 14.34
C PHE A 68 8.65 -4.57 15.76
N GLY A 69 8.45 -3.34 16.22
CA GLY A 69 8.79 -2.97 17.57
C GLY A 69 7.58 -2.49 18.36
N VAL A 70 7.77 -2.44 19.67
CA VAL A 70 6.85 -1.80 20.60
C VAL A 70 7.65 -0.77 21.39
N ASN A 71 7.16 0.46 21.42
CA ASN A 71 7.75 1.51 22.25
C ASN A 71 7.03 1.57 23.59
N ILE A 72 7.80 1.53 24.67
CA ILE A 72 7.27 1.54 26.03
C ILE A 72 7.73 2.83 26.70
N ILE A 73 6.80 3.56 27.31
CA ILE A 73 7.12 4.76 28.06
C ILE A 73 7.36 4.38 29.52
N LEU A 74 8.57 4.66 30.01
CA LEU A 74 9.01 4.16 31.30
C LEU A 74 8.19 4.72 32.45
N VAL A 75 7.66 5.94 32.31
CA VAL A 75 6.87 6.57 33.37
C VAL A 75 5.42 6.11 33.38
N SER A 76 5.01 5.28 32.43
CA SER A 76 3.66 4.77 32.44
C SER A 76 3.43 3.91 33.68
N PRO A 77 2.26 4.01 34.32
CA PRO A 77 1.96 3.11 35.44
C PRO A 77 1.96 1.64 35.07
N TRP A 78 1.79 1.31 33.80
CA TRP A 78 1.73 -0.08 33.35
C TRP A 78 3.03 -0.56 32.74
N ALA A 79 4.15 0.11 33.03
CA ALA A 79 5.39 -0.17 32.31
C ALA A 79 5.87 -1.60 32.55
N ASP A 80 5.94 -2.03 33.81
CA ASP A 80 6.33 -3.40 34.12
C ASP A 80 5.48 -4.40 33.35
N ASP A 81 4.15 -4.24 33.42
CA ASP A 81 3.25 -5.17 32.76
C ASP A 81 3.36 -5.10 31.24
N LEU A 82 3.64 -3.93 30.68
CA LEU A 82 3.77 -3.82 29.23
C LEU A 82 5.04 -4.53 28.75
N VAL A 83 6.12 -4.46 29.52
CA VAL A 83 7.32 -5.23 29.22
C VAL A 83 7.01 -6.72 29.26
N LYS A 84 6.26 -7.17 30.27
CA LYS A 84 5.88 -8.57 30.37
C LYS A 84 5.04 -9.01 29.17
N VAL A 85 4.14 -8.13 28.69
CA VAL A 85 3.40 -8.44 27.46
C VAL A 85 4.37 -8.67 26.30
N CYS A 86 5.39 -7.82 26.17
CA CYS A 86 6.31 -7.94 25.05
C CYS A 86 7.08 -9.24 25.11
N ILE A 87 7.41 -9.70 26.32
CA ILE A 87 8.10 -10.98 26.46
C ILE A 87 7.17 -12.13 26.07
N GLU A 88 5.92 -12.12 26.57
CA GLU A 88 5.02 -13.24 26.34
C GLU A 88 4.60 -13.36 24.88
N GLU A 89 4.39 -12.23 24.21
CA GLU A 89 4.02 -12.26 22.80
C GLU A 89 5.22 -12.26 21.85
N LYS A 90 6.44 -12.52 22.37
CA LYS A 90 7.65 -12.63 21.55
C LYS A 90 7.83 -11.42 20.63
N VAL A 91 7.62 -10.23 21.18
CA VAL A 91 7.87 -9.00 20.41
C VAL A 91 9.35 -8.93 20.02
N PRO A 92 9.68 -8.78 18.74
CA PRO A 92 11.10 -8.90 18.35
C PRO A 92 11.96 -7.74 18.81
N VAL A 93 11.40 -6.54 18.93
CA VAL A 93 12.16 -5.32 19.20
C VAL A 93 11.38 -4.47 20.18
N VAL A 94 12.04 -3.96 21.22
CA VAL A 94 11.41 -3.04 22.16
C VAL A 94 12.26 -1.79 22.27
N THR A 95 11.65 -0.63 22.04
CA THR A 95 12.27 0.66 22.31
C THR A 95 11.69 1.22 23.59
N PHE A 96 12.45 2.11 24.22
CA PHE A 96 12.03 2.74 25.47
C PHE A 96 12.15 4.25 25.35
N GLY A 97 11.26 4.95 26.04
CA GLY A 97 11.37 6.39 26.17
C GLY A 97 11.21 6.82 27.61
N ALA A 98 11.71 8.04 27.88
CA ALA A 98 11.49 8.73 29.16
C ALA A 98 12.31 8.10 30.29
N GLY A 99 13.63 7.98 30.07
CA GLY A 99 14.49 7.66 31.18
C GLY A 99 15.38 6.47 30.88
N ASN A 100 15.80 5.82 31.96
CA ASN A 100 16.79 4.75 31.90
C ASN A 100 16.08 3.42 32.04
N PRO A 101 16.09 2.55 31.02
CA PRO A 101 15.31 1.30 31.10
C PRO A 101 16.15 0.12 31.53
N THR A 102 17.26 0.39 32.22
CA THR A 102 18.22 -0.65 32.56
C THR A 102 17.55 -1.81 33.27
N LYS A 103 16.57 -1.52 34.13
CA LYS A 103 15.96 -2.56 34.95
C LYS A 103 15.25 -3.62 34.12
N TYR A 104 14.92 -3.33 32.86
CA TYR A 104 14.21 -4.28 32.02
C TYR A 104 15.09 -4.96 30.99
N ILE A 105 16.29 -4.44 30.73
CA ILE A 105 17.06 -4.89 29.57
C ILE A 105 17.32 -6.38 29.64
N ARG A 106 17.77 -6.86 30.80
CA ARG A 106 18.22 -8.25 30.92
C ARG A 106 17.09 -9.24 30.63
N GLU A 107 15.92 -9.04 31.23
CA GLU A 107 14.85 -10.02 31.02
C GLU A 107 14.36 -9.99 29.58
N LEU A 108 14.37 -8.83 28.94
CA LEU A 108 14.01 -8.75 27.53
C LEU A 108 15.05 -9.49 26.69
N LYS A 109 16.33 -9.25 26.95
CA LYS A 109 17.37 -9.87 26.14
C LYS A 109 17.45 -11.37 26.39
N GLU A 110 17.31 -11.81 27.64
CA GLU A 110 17.30 -13.24 27.90
C GLU A 110 16.23 -13.97 27.10
N ASN A 111 15.14 -13.30 26.77
CA ASN A 111 14.07 -13.92 26.01
C ASN A 111 14.13 -13.61 24.50
N GLY A 112 15.25 -13.09 24.01
CA GLY A 112 15.48 -12.93 22.59
C GLY A 112 15.01 -11.63 21.98
N THR A 113 14.54 -10.68 22.78
CA THR A 113 14.11 -9.39 22.27
C THR A 113 15.32 -8.47 22.08
N LYS A 114 15.33 -7.71 20.98
CA LYS A 114 16.34 -6.67 20.79
C LYS A 114 15.87 -5.40 21.49
N VAL A 115 16.74 -4.82 22.31
CA VAL A 115 16.37 -3.70 23.17
C VAL A 115 17.09 -2.45 22.70
N ILE A 116 16.34 -1.40 22.40
CA ILE A 116 16.89 -0.17 21.84
C ILE A 116 16.37 1.03 22.61
N PRO A 117 17.04 1.46 23.69
CA PRO A 117 16.59 2.65 24.41
C PRO A 117 16.77 3.91 23.57
N VAL A 118 15.89 4.88 23.77
CA VAL A 118 16.04 6.21 23.20
C VAL A 118 16.79 7.06 24.22
N VAL A 119 17.84 7.75 23.78
CA VAL A 119 18.67 8.55 24.68
C VAL A 119 18.82 9.95 24.11
N ALA A 120 18.97 10.92 25.01
CA ALA A 120 19.26 12.29 24.62
C ALA A 120 20.60 12.73 25.17
N SER A 121 21.41 11.79 25.65
CA SER A 121 22.69 12.15 26.22
C SER A 121 23.72 11.09 25.87
N ASP A 122 24.97 11.53 25.93
CA ASP A 122 26.11 10.66 25.75
C ASP A 122 26.27 9.72 26.95
N SER A 123 26.05 10.23 28.16
CA SER A 123 26.23 9.41 29.35
C SER A 123 25.19 8.29 29.41
N LEU A 124 23.92 8.61 29.12
CA LEU A 124 22.90 7.56 29.14
C LEU A 124 23.21 6.50 28.11
N ALA A 125 23.64 6.90 26.91
CA ALA A 125 24.00 5.92 25.89
C ALA A 125 25.04 4.94 26.41
N ARG A 126 26.12 5.46 27.01
CA ARG A 126 27.14 4.54 27.53
C ARG A 126 26.59 3.65 28.63
N MET A 127 25.71 4.19 29.48
CA MET A 127 25.12 3.39 30.55
C MET A 127 24.30 2.24 30.00
N VAL A 128 23.44 2.50 29.00
CA VAL A 128 22.58 1.42 28.52
C VAL A 128 23.38 0.42 27.69
N GLU A 129 24.42 0.87 26.99
CA GLU A 129 25.34 -0.10 26.37
C GLU A 129 25.90 -1.06 27.41
N ARG A 130 26.39 -0.52 28.54
CA ARG A 130 26.95 -1.35 29.60
C ARG A 130 25.93 -2.36 30.11
N ALA A 131 24.68 -1.94 30.24
CA ALA A 131 23.59 -2.77 30.75
C ALA A 131 23.03 -3.73 29.71
N GLY A 132 23.55 -3.75 28.48
CA GLY A 132 23.22 -4.76 27.52
C GLY A 132 22.37 -4.32 26.32
N ALA A 133 22.15 -3.03 26.13
CA ALA A 133 21.35 -2.60 24.98
C ALA A 133 21.96 -3.11 23.68
N ASP A 134 21.10 -3.48 22.74
CA ASP A 134 21.56 -3.95 21.43
C ASP A 134 21.88 -2.80 20.50
N ALA A 135 21.22 -1.66 20.68
CA ALA A 135 21.46 -0.46 19.90
C ALA A 135 20.85 0.68 20.68
N VAL A 136 21.08 1.91 20.23
CA VAL A 136 20.49 3.07 20.87
C VAL A 136 19.97 4.03 19.82
N ILE A 137 18.87 4.67 20.13
CA ILE A 137 18.32 5.75 19.33
C ILE A 137 18.81 7.04 19.98
N ALA A 138 19.56 7.83 19.22
CA ALA A 138 20.02 9.13 19.69
C ALA A 138 19.04 10.14 19.13
N GLU A 139 18.22 10.71 19.99
CA GLU A 139 17.11 11.55 19.54
C GLU A 139 17.43 13.02 19.82
N GLY A 140 17.66 13.79 18.75
CA GLY A 140 17.90 15.21 18.91
C GLY A 140 16.64 15.98 19.23
N MET A 141 16.85 17.14 19.86
CA MET A 141 15.75 17.97 20.36
C MET A 141 14.93 18.65 19.26
N GLU A 142 15.29 18.52 17.98
CA GLU A 142 14.40 19.00 16.94
C GLU A 142 13.20 18.08 16.72
N SER A 143 13.17 16.92 17.37
CA SER A 143 12.04 16.04 17.19
C SER A 143 10.82 16.60 17.93
N GLY A 144 9.65 16.03 17.61
CA GLY A 144 8.42 16.42 18.29
C GLY A 144 8.24 15.69 19.62
N GLY A 145 7.33 16.22 20.43
CA GLY A 145 7.04 15.60 21.70
C GLY A 145 8.11 15.94 22.73
N HIS A 146 8.18 15.11 23.76
CA HIS A 146 9.15 15.37 24.82
C HIS A 146 10.57 15.22 24.27
N ILE A 147 11.45 16.15 24.66
CA ILE A 147 12.77 16.27 24.05
C ILE A 147 13.84 16.48 25.11
N GLY A 148 15.07 16.18 24.73
CA GLY A 148 16.24 16.55 25.51
C GLY A 148 16.74 17.93 25.15
N GLU A 149 18.05 18.13 25.32
CA GLU A 149 18.65 19.43 25.08
C GLU A 149 19.58 19.46 23.89
N VAL A 150 20.10 18.32 23.45
CA VAL A 150 21.12 18.26 22.41
C VAL A 150 20.46 18.07 21.04
N THR A 151 20.98 18.75 20.02
CA THR A 151 20.47 18.58 18.67
C THR A 151 21.02 17.32 18.02
N THR A 152 20.36 16.89 16.95
CA THR A 152 20.77 15.67 16.25
C THR A 152 22.19 15.77 15.74
N PHE A 153 22.54 16.92 15.15
CA PHE A 153 23.83 17.07 14.50
C PHE A 153 24.96 16.78 15.46
N VAL A 154 24.83 17.27 16.69
CA VAL A 154 25.84 17.06 17.72
C VAL A 154 25.70 15.68 18.36
N LEU A 155 24.46 15.33 18.73
CA LEU A 155 24.24 14.15 19.55
C LEU A 155 24.64 12.86 18.85
N VAL A 156 24.22 12.70 17.60
CA VAL A 156 24.56 11.47 16.88
C VAL A 156 26.07 11.31 16.78
N ASN A 157 26.78 12.41 16.52
CA ASN A 157 28.24 12.37 16.40
C ASN A 157 28.86 11.89 17.72
N LYS A 158 28.49 12.52 18.83
CA LYS A 158 29.14 12.19 20.10
C LYS A 158 28.75 10.78 20.55
N VAL A 159 27.47 10.43 20.42
CA VAL A 159 27.01 9.12 20.88
C VAL A 159 27.69 8.01 20.07
N SER A 160 27.72 8.14 18.74
CA SER A 160 28.33 7.07 17.95
C SER A 160 29.81 6.90 18.29
N ARG A 161 30.50 7.98 18.62
CA ARG A 161 31.90 7.85 19.02
C ARG A 161 32.06 7.19 20.39
N SER A 162 31.02 7.23 21.23
CA SER A 162 31.12 6.74 22.60
C SER A 162 30.78 5.28 22.77
N VAL A 163 30.02 4.67 21.86
CA VAL A 163 29.59 3.27 22.03
C VAL A 163 30.06 2.45 20.84
N ASN A 164 30.10 1.15 21.03
CA ASN A 164 30.35 0.24 19.91
C ASN A 164 29.08 -0.34 19.31
N ILE A 165 27.96 -0.33 20.03
CA ILE A 165 26.69 -0.84 19.50
C ILE A 165 26.17 0.14 18.46
N PRO A 166 25.31 -0.28 17.54
CA PRO A 166 24.82 0.66 16.51
C PRO A 166 24.00 1.77 17.11
N VAL A 167 24.09 2.94 16.46
CA VAL A 167 23.33 4.13 16.84
C VAL A 167 22.30 4.40 15.75
N ILE A 168 21.08 4.72 16.17
CA ILE A 168 20.00 5.10 15.26
C ILE A 168 19.70 6.57 15.52
N ALA A 169 19.71 7.37 14.46
CA ALA A 169 19.49 8.81 14.58
C ALA A 169 18.01 9.11 14.46
N ALA A 170 17.51 9.97 15.38
CA ALA A 170 16.12 10.41 15.35
C ALA A 170 16.07 11.92 15.59
N GLY A 171 15.13 12.59 14.93
CA GLY A 171 14.94 14.01 15.06
C GLY A 171 15.50 14.76 13.88
N GLY A 172 14.62 15.40 13.10
CA GLY A 172 15.01 16.20 11.96
C GLY A 172 15.20 15.43 10.66
N ILE A 173 14.87 14.15 10.62
CA ILE A 173 15.15 13.32 9.47
C ILE A 173 13.85 13.03 8.75
N ALA A 174 13.74 13.49 7.51
CA ALA A 174 12.53 13.20 6.75
C ALA A 174 12.81 12.86 5.30
N ASP A 175 14.06 12.67 4.90
CA ASP A 175 14.37 12.42 3.49
C ASP A 175 15.73 11.73 3.37
N GLY A 176 16.10 11.40 2.13
CA GLY A 176 17.32 10.65 1.88
C GLY A 176 18.57 11.44 2.19
N ARG A 177 18.54 12.76 1.96
CA ARG A 177 19.63 13.63 2.40
C ARG A 177 19.90 13.46 3.88
N GLY A 178 18.84 13.51 4.69
CA GLY A 178 19.01 13.37 6.12
C GLY A 178 19.54 12.00 6.51
N MET A 179 19.13 10.96 5.78
CA MET A 179 19.66 9.64 6.04
C MET A 179 21.17 9.61 5.80
N ALA A 180 21.62 10.22 4.70
CA ALA A 180 23.05 10.24 4.42
C ALA A 180 23.79 11.08 5.45
N ALA A 181 23.24 12.24 5.81
CA ALA A 181 23.82 13.07 6.85
C ALA A 181 23.94 12.33 8.17
N ALA A 182 22.88 11.61 8.58
CA ALA A 182 22.93 10.85 9.82
C ALA A 182 24.01 9.79 9.76
N PHE A 183 24.11 9.09 8.64
CA PHE A 183 25.14 8.06 8.50
C PHE A 183 26.53 8.66 8.54
N ALA A 184 26.69 9.86 7.98
CA ALA A 184 27.98 10.55 8.06
C ALA A 184 28.36 10.85 9.51
N LEU A 185 27.38 11.24 10.34
CA LEU A 185 27.67 11.50 11.74
C LEU A 185 27.97 10.23 12.53
N GLY A 186 27.73 9.05 11.95
CA GLY A 186 27.99 7.78 12.60
C GLY A 186 26.79 6.87 12.80
N ALA A 187 25.57 7.30 12.47
CA ALA A 187 24.42 6.43 12.61
C ALA A 187 24.44 5.32 11.56
N GLU A 188 23.76 4.21 11.87
CA GLU A 188 23.56 3.13 10.91
C GLU A 188 22.09 2.85 10.64
N ALA A 189 21.19 3.69 11.15
CA ALA A 189 19.80 3.69 10.73
C ALA A 189 19.21 5.03 11.12
N VAL A 190 17.97 5.28 10.68
CA VAL A 190 17.30 6.53 11.03
C VAL A 190 15.87 6.23 11.45
N GLN A 191 15.35 7.05 12.35
CA GLN A 191 13.96 6.99 12.77
C GLN A 191 13.31 8.30 12.36
N MET A 192 12.14 8.22 11.70
CA MET A 192 11.52 9.40 11.08
C MET A 192 10.07 9.50 11.52
N GLY A 193 9.84 9.95 12.76
CA GLY A 193 8.48 9.94 13.27
C GLY A 193 7.51 10.79 12.48
N THR A 194 7.83 12.07 12.30
CA THR A 194 6.89 12.97 11.63
C THR A 194 6.66 12.56 10.18
N ARG A 195 7.71 12.12 9.49
CA ARG A 195 7.57 11.72 8.09
C ARG A 195 6.56 10.58 7.92
N PHE A 196 6.56 9.60 8.84
CA PHE A 196 5.61 8.50 8.66
C PHE A 196 4.23 8.81 9.25
N VAL A 197 4.12 9.70 10.22
CA VAL A 197 2.80 10.22 10.60
C VAL A 197 2.14 10.88 9.40
N ALA A 198 2.93 11.59 8.60
CA ALA A 198 2.44 12.23 7.38
C ALA A 198 2.41 11.26 6.20
N SER A 199 1.69 10.16 6.38
CA SER A 199 1.60 9.16 5.33
C SER A 199 0.15 8.75 5.10
N VAL A 200 -0.10 8.14 3.94
CA VAL A 200 -1.46 7.72 3.60
C VAL A 200 -1.96 6.68 4.61
N GLU A 201 -1.07 5.77 5.02
CA GLU A 201 -1.44 4.69 5.92
C GLU A 201 -1.44 5.10 7.38
N SER A 202 -1.00 6.32 7.69
CA SER A 202 -1.13 6.81 9.06
C SER A 202 -2.58 7.11 9.37
N ASP A 203 -3.03 6.77 10.59
CA ASP A 203 -4.41 6.96 10.99
C ASP A 203 -4.60 8.17 11.90
N VAL A 204 -3.63 9.09 11.93
CA VAL A 204 -3.89 10.35 12.62
C VAL A 204 -4.95 11.14 11.86
N HIS A 205 -5.65 12.01 12.57
CA HIS A 205 -6.75 12.77 11.99
C HIS A 205 -6.26 13.55 10.76
N PRO A 206 -7.10 13.68 9.71
CA PRO A 206 -6.67 14.44 8.53
C PRO A 206 -6.13 15.82 8.84
N VAL A 207 -6.65 16.48 9.88
CA VAL A 207 -6.17 17.82 10.24
C VAL A 207 -4.72 17.77 10.70
N TYR A 208 -4.38 16.72 11.47
CA TYR A 208 -3.00 16.51 11.89
C TYR A 208 -2.09 16.45 10.68
N LYS A 209 -2.47 15.67 9.66
CA LYS A 209 -1.67 15.57 8.44
C LYS A 209 -1.56 16.92 7.74
N GLU A 210 -2.68 17.64 7.63
CA GLU A 210 -2.67 18.92 6.94
C GLU A 210 -1.77 19.93 7.66
N LYS A 211 -1.76 19.90 8.98
CA LYS A 211 -0.92 20.84 9.72
C LYS A 211 0.57 20.55 9.49
N ILE A 212 0.94 19.27 9.42
CA ILE A 212 2.34 18.92 9.14
C ILE A 212 2.74 19.44 7.76
N VAL A 213 1.90 19.18 6.76
CA VAL A 213 2.17 19.65 5.41
C VAL A 213 2.36 21.17 5.39
N LYS A 214 1.45 21.89 6.05
CA LYS A 214 1.51 23.35 5.96
C LYS A 214 2.63 23.92 6.81
N ALA A 215 3.02 23.22 7.87
CA ALA A 215 3.98 23.76 8.82
C ALA A 215 5.35 23.97 8.17
N SER A 216 6.00 25.08 8.53
CA SER A 216 7.37 25.36 8.10
C SER A 216 8.36 24.87 9.16
N ILE A 217 9.66 25.06 8.89
CA ILE A 217 10.68 24.63 9.84
C ILE A 217 10.65 25.45 11.13
N ARG A 218 9.97 26.59 11.12
CA ARG A 218 9.89 27.48 12.28
C ARG A 218 8.55 27.41 12.99
N ASP A 219 7.67 26.48 12.62
CA ASP A 219 6.32 26.48 13.15
C ASP A 219 6.14 25.57 14.35
N THR A 220 7.22 25.15 15.01
CA THR A 220 7.06 24.44 16.27
C THR A 220 7.54 25.32 17.42
N VAL A 221 7.09 24.98 18.62
CA VAL A 221 7.49 25.65 19.86
C VAL A 221 7.82 24.59 20.88
N VAL A 222 8.69 24.95 21.81
CA VAL A 222 9.00 24.12 22.95
C VAL A 222 8.25 24.68 24.16
N THR A 223 7.39 23.85 24.76
CA THR A 223 6.60 24.24 25.91
C THR A 223 6.84 23.28 27.06
N GLY A 224 6.70 23.79 28.28
CA GLY A 224 6.89 23.00 29.48
C GLY A 224 8.34 22.83 29.86
N HIS A 229 9.65 19.71 31.95
CA HIS A 229 9.69 18.63 30.97
C HIS A 229 9.33 19.14 29.57
N PRO A 230 10.32 19.66 28.86
CA PRO A 230 10.04 20.32 27.58
C PRO A 230 9.47 19.36 26.54
N ALA A 231 8.62 19.89 25.67
CA ALA A 231 8.03 19.12 24.59
C ALA A 231 7.80 20.03 23.39
N ARG A 232 8.11 19.53 22.19
CA ARG A 232 8.00 20.30 20.97
C ARG A 232 6.66 20.02 20.31
N VAL A 233 5.88 21.07 20.07
CA VAL A 233 4.58 20.97 19.42
C VAL A 233 4.42 22.09 18.40
N LEU A 234 3.48 21.90 17.51
CA LEU A 234 3.12 22.90 16.51
C LEU A 234 2.64 24.18 17.19
N ARG A 235 2.89 25.33 16.56
CA ARG A 235 2.48 26.63 17.09
C ARG A 235 0.97 26.84 16.97
N THR A 236 0.22 26.10 17.76
CA THR A 236 -1.23 26.02 17.76
C THR A 236 -1.81 26.91 18.87
N PRO A 237 -3.11 27.23 18.82
CA PRO A 237 -3.69 28.03 19.94
C PRO A 237 -3.47 27.40 21.31
N PHE A 238 -3.60 26.07 21.41
CA PHE A 238 -3.42 25.42 22.70
C PHE A 238 -1.98 25.51 23.17
N ALA A 239 -1.02 25.44 22.25
CA ALA A 239 0.37 25.61 22.64
C ALA A 239 0.61 27.03 23.15
N ARG A 240 -0.13 28.01 22.63
CA ARG A 240 -0.05 29.36 23.18
C ARG A 240 -0.63 29.41 24.59
N LYS A 241 -1.81 28.83 24.79
CA LYS A 241 -2.45 28.91 26.09
C LYS A 241 -1.62 28.22 27.16
N ILE A 242 -0.86 27.19 26.80
CA ILE A 242 -0.01 26.51 27.78
C ILE A 242 1.14 27.40 28.20
N GLN A 243 1.69 28.17 27.28
CA GLN A 243 2.75 29.13 27.62
C GLN A 243 2.16 30.32 28.38
N LEU A 257 -3.33 19.75 30.09
CA LEU A 257 -2.41 18.96 29.28
C LEU A 257 -2.84 17.51 29.17
N VAL A 258 -3.66 17.06 30.13
CA VAL A 258 -4.08 15.66 30.15
C VAL A 258 -5.01 15.40 28.97
N GLY A 259 -4.75 14.32 28.25
CA GLY A 259 -5.48 14.00 27.06
C GLY A 259 -5.22 14.89 25.87
N SER A 260 -4.32 15.87 25.98
CA SER A 260 -4.15 16.85 24.90
C SER A 260 -3.57 16.20 23.64
N LEU A 261 -2.66 15.23 23.79
CA LEU A 261 -2.11 14.57 22.61
C LEU A 261 -3.18 13.74 21.90
N ARG A 262 -4.02 13.04 22.65
CA ARG A 262 -5.10 12.26 22.04
C ARG A 262 -6.06 13.16 21.26
N ARG A 263 -6.36 14.34 21.79
CA ARG A 263 -7.31 15.22 21.12
C ARG A 263 -6.77 15.66 19.75
N ALA A 264 -5.46 15.89 19.64
CA ALA A 264 -4.89 16.25 18.36
C ALA A 264 -4.87 15.05 17.42
N VAL A 265 -4.31 13.93 17.87
CA VAL A 265 -4.14 12.77 16.99
C VAL A 265 -5.49 12.17 16.60
N VAL A 266 -6.36 11.94 17.56
CA VAL A 266 -7.61 11.23 17.28
C VAL A 266 -8.68 12.19 16.78
N GLU A 267 -8.82 13.35 17.41
CA GLU A 267 -9.91 14.27 17.10
C GLU A 267 -9.50 15.43 16.20
N GLY A 268 -8.21 15.60 15.93
CA GLY A 268 -7.79 16.77 15.17
C GLY A 268 -8.21 18.09 15.77
N ASP A 269 -8.22 18.19 17.10
CA ASP A 269 -8.73 19.37 17.79
C ASP A 269 -7.68 20.47 17.75
N LEU A 270 -7.92 21.50 16.93
CA LEU A 270 -7.00 22.63 16.88
C LEU A 270 -7.04 23.47 18.14
N GLU A 271 -8.12 23.39 18.91
CA GLU A 271 -8.30 24.26 20.05
C GLU A 271 -7.51 23.79 21.27
N ARG A 272 -7.61 22.50 21.62
CA ARG A 272 -6.90 21.98 22.78
C ARG A 272 -6.16 20.68 22.48
N GLY A 273 -5.75 20.45 21.24
CA GLY A 273 -4.87 19.34 20.92
C GLY A 273 -3.42 19.79 20.96
N SER A 274 -2.56 18.90 21.45
CA SER A 274 -1.12 19.11 21.42
C SER A 274 -0.55 18.37 20.22
N PHE A 275 -0.07 19.14 19.23
CA PHE A 275 0.37 18.56 17.96
C PHE A 275 1.89 18.35 18.04
N ALA A 276 2.27 17.20 18.61
CA ALA A 276 3.68 16.85 18.84
C ALA A 276 4.32 16.47 17.52
N VAL A 277 4.88 17.47 16.84
CA VAL A 277 5.57 17.24 15.58
C VAL A 277 6.91 17.96 15.62
N GLY A 278 7.90 17.41 14.93
CA GLY A 278 9.25 17.94 14.96
C GLY A 278 9.48 18.97 13.88
N GLN A 279 10.68 19.56 13.92
CA GLN A 279 11.03 20.58 12.95
C GLN A 279 11.07 20.01 11.54
N SER A 280 11.23 18.70 11.39
CA SER A 280 11.21 18.13 10.05
C SER A 280 9.86 18.29 9.35
N ALA A 281 8.81 18.75 10.05
CA ALA A 281 7.57 19.05 9.34
C ALA A 281 7.79 20.08 8.24
N GLY A 282 8.73 21.01 8.44
CA GLY A 282 9.02 21.98 7.40
C GLY A 282 9.64 21.41 6.15
N LEU A 283 10.10 20.15 6.21
CA LEU A 283 10.63 19.46 5.05
C LEU A 283 9.57 18.60 4.36
N ILE A 284 8.36 18.56 4.91
CA ILE A 284 7.30 17.67 4.43
C ILE A 284 6.25 18.54 3.76
N ASP A 285 6.06 18.33 2.45
CA ASP A 285 5.13 19.13 1.68
C ASP A 285 3.98 18.35 1.11
N GLU A 286 3.89 17.06 1.39
CA GLU A 286 2.74 16.30 0.93
C GLU A 286 2.68 14.98 1.67
N ILE A 287 1.47 14.44 1.74
CA ILE A 287 1.24 13.14 2.36
C ILE A 287 1.53 12.06 1.31
N LYS A 288 2.45 11.15 1.64
CA LYS A 288 2.84 10.11 0.70
C LYS A 288 2.46 8.73 1.22
N PRO A 289 2.27 7.77 0.32
CA PRO A 289 2.23 6.37 0.75
C PRO A 289 3.53 5.97 1.41
N VAL A 290 3.42 5.10 2.41
CA VAL A 290 4.58 4.55 3.10
C VAL A 290 5.57 3.95 2.10
N LYS A 291 5.06 3.21 1.11
CA LYS A 291 5.94 2.60 0.12
C LYS A 291 6.76 3.64 -0.63
N GLN A 292 6.10 4.73 -1.05
CA GLN A 292 6.80 5.78 -1.78
C GLN A 292 7.82 6.48 -0.88
N ILE A 293 7.44 6.76 0.38
CA ILE A 293 8.38 7.38 1.32
C ILE A 293 9.69 6.60 1.36
N ILE A 294 9.60 5.29 1.53
CA ILE A 294 10.82 4.48 1.64
C ILE A 294 11.56 4.45 0.32
N GLU A 295 10.85 4.37 -0.81
CA GLU A 295 11.50 4.41 -2.12
C GLU A 295 12.26 5.72 -2.33
N ASP A 296 11.62 6.85 -2.01
CA ASP A 296 12.26 8.14 -2.23
C ASP A 296 13.47 8.33 -1.30
N ILE A 297 13.37 7.87 -0.06
CA ILE A 297 14.51 7.95 0.87
C ILE A 297 15.72 7.25 0.27
N LEU A 298 15.53 6.00 -0.15
CA LEU A 298 16.64 5.19 -0.65
C LEU A 298 17.26 5.79 -1.89
N LYS A 299 16.42 6.30 -2.80
CA LYS A 299 16.93 6.88 -4.03
C LYS A 299 17.76 8.12 -3.73
N GLU A 300 17.24 9.00 -2.88
CA GLU A 300 17.95 10.23 -2.57
C GLU A 300 19.19 9.96 -1.73
N PHE A 301 19.14 8.96 -0.85
CA PHE A 301 20.33 8.57 -0.09
C PHE A 301 21.47 8.22 -1.03
N LYS A 302 21.17 7.38 -2.03
CA LYS A 302 22.19 6.95 -2.99
C LYS A 302 22.69 8.12 -3.84
N GLU A 303 21.77 8.99 -4.30
CA GLU A 303 22.20 10.17 -5.05
C GLU A 303 23.06 11.09 -4.21
N THR A 304 22.73 11.21 -2.91
CA THR A 304 23.54 12.05 -2.04
C THR A 304 24.94 11.48 -1.87
N VAL A 305 25.07 10.16 -1.68
CA VAL A 305 26.39 9.56 -1.50
C VAL A 305 27.22 9.70 -2.77
N GLU A 306 26.60 9.49 -3.94
CA GLU A 306 27.30 9.73 -5.20
C GLU A 306 27.75 11.17 -5.30
N LYS A 307 26.93 12.12 -4.86
CA LYS A 307 27.32 13.52 -4.86
C LYS A 307 28.54 13.75 -3.97
N LEU A 308 28.52 13.20 -2.76
CA LEU A 308 29.68 13.35 -1.86
C LEU A 308 30.93 12.73 -2.46
N ARG A 309 30.77 11.59 -3.15
CA ARG A 309 31.91 10.93 -3.77
C ARG A 309 32.59 11.83 -4.77
N GLY A 310 31.84 12.74 -5.39
CA GLY A 310 32.42 13.66 -6.34
C GLY A 310 33.53 14.50 -5.75
N TYR A 311 33.49 14.75 -4.45
CA TYR A 311 34.50 15.58 -3.81
C TYR A 311 35.82 14.87 -3.57
N ILE A 312 35.83 13.55 -3.44
CA ILE A 312 37.05 12.82 -3.07
C ILE A 312 37.63 12.02 -4.23
N VAL B 3 -3.07 -19.97 -30.06
CA VAL B 3 -4.46 -19.55 -30.17
C VAL B 3 -4.54 -18.16 -30.76
N ARG B 4 -5.20 -18.03 -31.90
CA ARG B 4 -5.36 -16.76 -32.60
C ARG B 4 -6.85 -16.46 -32.73
N THR B 5 -7.25 -15.24 -32.39
CA THR B 5 -8.64 -14.81 -32.51
C THR B 5 -8.65 -13.41 -33.08
N ARG B 6 -9.85 -12.89 -33.36
CA ARG B 6 -9.94 -11.50 -33.79
C ARG B 6 -9.36 -10.55 -32.75
N VAL B 7 -9.32 -10.95 -31.49
CA VAL B 7 -8.84 -10.06 -30.44
C VAL B 7 -7.31 -10.01 -30.44
N THR B 8 -6.63 -11.14 -30.69
CA THR B 8 -5.17 -11.07 -30.78
C THR B 8 -4.75 -10.28 -32.02
N ASP B 9 -5.48 -10.43 -33.14
CA ASP B 9 -5.23 -9.59 -34.30
C ASP B 9 -5.43 -8.13 -33.95
N LEU B 10 -6.58 -7.79 -33.35
CA LEU B 10 -6.94 -6.40 -33.09
C LEU B 10 -5.95 -5.72 -32.15
N LEU B 11 -5.55 -6.39 -31.09
CA LEU B 11 -4.68 -5.82 -30.07
C LEU B 11 -3.21 -6.04 -30.35
N GLU B 12 -2.89 -6.86 -31.36
CA GLU B 12 -1.50 -7.17 -31.73
C GLU B 12 -0.74 -7.78 -30.57
N ILE B 13 -1.40 -8.71 -29.87
CA ILE B 13 -0.78 -9.47 -28.80
C ILE B 13 -0.84 -10.94 -29.18
N GLU B 14 -0.08 -11.75 -28.44
CA GLU B 14 0.01 -13.16 -28.78
C GLU B 14 -1.15 -13.96 -28.21
N HIS B 15 -1.62 -13.61 -27.01
CA HIS B 15 -2.63 -14.43 -26.36
C HIS B 15 -3.90 -13.63 -26.13
N PRO B 16 -5.09 -14.24 -26.35
CA PRO B 16 -6.35 -13.52 -26.15
C PRO B 16 -6.76 -13.44 -24.68
N ILE B 17 -5.88 -12.88 -23.86
CA ILE B 17 -6.06 -12.88 -22.41
C ILE B 17 -5.76 -11.50 -21.87
N LEU B 18 -6.72 -10.89 -21.17
CA LEU B 18 -6.53 -9.59 -20.55
C LEU B 18 -6.52 -9.74 -19.04
N MET B 19 -5.75 -8.88 -18.38
CA MET B 19 -5.89 -8.71 -16.94
C MET B 19 -6.97 -7.66 -16.65
N GLY B 20 -7.29 -7.48 -15.37
CA GLY B 20 -8.39 -6.60 -15.00
C GLY B 20 -7.97 -5.15 -14.88
N GLY B 21 -8.91 -4.24 -15.16
CA GLY B 21 -8.66 -2.82 -15.11
C GLY B 21 -8.81 -2.18 -13.75
N MET B 22 -8.32 -2.87 -12.71
CA MET B 22 -8.67 -2.56 -11.34
C MET B 22 -7.89 -1.37 -10.80
N ALA B 23 -8.58 -0.52 -10.02
CA ALA B 23 -7.91 0.53 -9.28
C ALA B 23 -7.11 -0.09 -8.14
N TRP B 24 -5.91 0.44 -7.94
CA TRP B 24 -4.96 0.00 -6.92
C TRP B 24 -4.26 -1.29 -7.32
N ALA B 25 -4.99 -2.26 -7.89
CA ALA B 25 -4.35 -3.52 -8.27
C ALA B 25 -3.81 -3.51 -9.68
N GLY B 26 -4.34 -2.64 -10.55
CA GLY B 26 -3.85 -2.54 -11.91
C GLY B 26 -2.67 -1.60 -12.05
N THR B 27 -1.50 -2.02 -11.53
CA THR B 27 -0.27 -1.24 -11.48
C THR B 27 0.60 -1.46 -12.71
N PRO B 28 1.50 -0.52 -13.01
CA PRO B 28 2.46 -0.74 -14.11
C PRO B 28 3.24 -2.05 -13.97
N THR B 29 3.57 -2.43 -12.73
CA THR B 29 4.33 -3.66 -12.51
C THR B 29 3.56 -4.90 -12.94
N LEU B 30 2.31 -5.03 -12.48
CA LEU B 30 1.52 -6.20 -12.90
C LEU B 30 1.17 -6.13 -14.38
N ALA B 31 0.81 -4.95 -14.87
CA ALA B 31 0.44 -4.84 -16.28
C ALA B 31 1.63 -5.14 -17.19
N ALA B 32 2.83 -4.67 -16.81
CA ALA B 32 4.00 -4.99 -17.62
C ALA B 32 4.25 -6.49 -17.64
N ALA B 33 4.09 -7.15 -16.49
CA ALA B 33 4.30 -8.58 -16.45
C ALA B 33 3.33 -9.31 -17.38
N VAL B 34 2.06 -8.91 -17.36
CA VAL B 34 1.07 -9.57 -18.20
C VAL B 34 1.34 -9.31 -19.68
N SER B 35 1.62 -8.05 -20.03
CA SER B 35 1.94 -7.74 -21.42
C SER B 35 3.21 -8.45 -21.88
N GLU B 36 4.24 -8.49 -21.01
CA GLU B 36 5.47 -9.20 -21.36
C GLU B 36 5.19 -10.67 -21.64
N ALA B 37 4.31 -11.28 -20.86
CA ALA B 37 3.95 -12.67 -21.03
C ALA B 37 3.05 -12.93 -22.23
N GLY B 38 2.64 -11.89 -22.95
CA GLY B 38 1.93 -12.08 -24.20
C GLY B 38 0.44 -11.80 -24.15
N GLY B 39 -0.11 -11.42 -22.99
CA GLY B 39 -1.49 -10.97 -22.89
C GLY B 39 -1.56 -9.46 -22.98
N LEU B 40 -2.63 -8.90 -22.42
CA LEU B 40 -2.76 -7.44 -22.36
C LEU B 40 -2.76 -7.02 -20.90
N GLY B 41 -1.66 -6.41 -20.46
CA GLY B 41 -1.68 -5.72 -19.19
C GLY B 41 -2.46 -4.44 -19.28
N ILE B 42 -3.07 -4.05 -18.16
CA ILE B 42 -3.94 -2.88 -18.11
C ILE B 42 -3.64 -2.09 -16.86
N ILE B 43 -3.35 -0.80 -17.02
CA ILE B 43 -3.19 0.11 -15.90
C ILE B 43 -4.56 0.60 -15.47
N GLY B 44 -4.92 0.36 -14.22
CA GLY B 44 -6.17 0.90 -13.71
C GLY B 44 -6.00 2.34 -13.25
N SER B 45 -6.70 3.28 -13.90
CA SER B 45 -6.55 4.70 -13.60
C SER B 45 -7.64 5.22 -12.69
N GLY B 46 -8.46 4.34 -12.13
CA GLY B 46 -9.69 4.78 -11.48
C GLY B 46 -9.45 5.76 -10.35
N ALA B 47 -8.36 5.57 -9.62
CA ALA B 47 -8.01 6.44 -8.50
C ALA B 47 -6.98 7.50 -8.89
N MET B 48 -6.64 7.60 -10.15
CA MET B 48 -5.51 8.41 -10.60
C MET B 48 -5.96 9.79 -11.07
N LYS B 49 -5.04 10.76 -10.90
CA LYS B 49 -5.02 12.07 -11.54
C LYS B 49 -4.17 12.00 -12.80
N PRO B 50 -4.31 12.95 -13.73
CA PRO B 50 -3.54 12.87 -14.98
C PRO B 50 -2.05 12.65 -14.79
N ASP B 51 -1.43 13.43 -13.89
CA ASP B 51 0.00 13.28 -13.66
C ASP B 51 0.35 11.88 -13.19
N ASP B 52 -0.50 11.29 -12.34
CA ASP B 52 -0.30 9.89 -11.93
C ASP B 52 -0.30 8.97 -13.14
N LEU B 53 -1.26 9.15 -14.03
CA LEU B 53 -1.40 8.24 -15.15
C LEU B 53 -0.23 8.37 -16.11
N ARG B 54 0.17 9.60 -16.43
CA ARG B 54 1.32 9.78 -17.30
C ARG B 54 2.56 9.10 -16.72
N LYS B 55 2.80 9.31 -15.42
CA LYS B 55 3.91 8.62 -14.74
C LYS B 55 3.73 7.11 -14.78
N ALA B 56 2.48 6.65 -14.62
CA ALA B 56 2.22 5.22 -14.66
C ALA B 56 2.54 4.64 -16.03
N ILE B 57 2.17 5.36 -17.10
CA ILE B 57 2.44 4.88 -18.45
C ILE B 57 3.93 4.81 -18.71
N SER B 58 4.65 5.89 -18.41
CA SER B 58 6.10 5.90 -18.60
C SER B 58 6.75 4.74 -17.87
N GLU B 59 6.32 4.46 -16.64
CA GLU B 59 6.94 3.38 -15.88
C GLU B 59 6.67 2.03 -16.53
N LEU B 60 5.44 1.81 -17.00
CA LEU B 60 5.15 0.55 -17.67
C LEU B 60 6.06 0.37 -18.87
N ARG B 61 6.30 1.46 -19.61
CA ARG B 61 7.11 1.38 -20.83
C ARG B 61 8.58 1.11 -20.53
N GLN B 62 9.05 1.45 -19.33
CA GLN B 62 10.40 1.04 -18.94
C GLN B 62 10.49 -0.47 -18.73
N LYS B 63 9.37 -1.15 -18.47
CA LYS B 63 9.40 -2.58 -18.20
C LYS B 63 9.02 -3.45 -19.40
N THR B 64 8.34 -2.90 -20.41
CA THR B 64 7.98 -3.69 -21.57
C THR B 64 7.74 -2.80 -22.78
N ASP B 65 7.99 -3.35 -23.97
CA ASP B 65 7.66 -2.68 -25.23
C ASP B 65 6.37 -3.18 -25.85
N LYS B 66 5.69 -4.16 -25.21
CA LYS B 66 4.52 -4.82 -25.76
C LYS B 66 3.27 -3.95 -25.57
N PRO B 67 2.20 -4.22 -26.32
CA PRO B 67 0.97 -3.45 -26.14
C PRO B 67 0.44 -3.56 -24.72
N PHE B 68 -0.28 -2.52 -24.30
CA PHE B 68 -0.87 -2.47 -22.98
C PHE B 68 -2.12 -1.61 -23.06
N GLY B 69 -2.89 -1.57 -21.97
CA GLY B 69 -4.08 -0.78 -21.93
C GLY B 69 -4.14 0.09 -20.68
N VAL B 70 -5.05 1.06 -20.72
CA VAL B 70 -5.41 1.90 -19.59
C VAL B 70 -6.92 1.82 -19.43
N ASN B 71 -7.38 1.56 -18.20
CA ASN B 71 -8.81 1.57 -17.88
C ASN B 71 -9.18 2.92 -17.26
N ILE B 72 -10.20 3.56 -17.83
CA ILE B 72 -10.68 4.86 -17.37
C ILE B 72 -12.12 4.69 -16.89
N ILE B 73 -12.40 5.22 -15.69
CA ILE B 73 -13.74 5.20 -15.11
C ILE B 73 -14.48 6.47 -15.50
N LEU B 74 -15.58 6.33 -16.22
CA LEU B 74 -16.22 7.48 -16.83
C LEU B 74 -16.74 8.49 -15.80
N VAL B 75 -17.08 8.02 -14.59
CA VAL B 75 -17.56 8.94 -13.55
C VAL B 75 -16.41 9.61 -12.79
N SER B 76 -15.16 9.30 -13.09
CA SER B 76 -14.06 10.01 -12.44
C SER B 76 -14.13 11.50 -12.80
N PRO B 77 -13.89 12.39 -11.84
CA PRO B 77 -13.77 13.81 -12.19
C PRO B 77 -12.71 14.09 -13.24
N TRP B 78 -11.72 13.20 -13.37
CA TRP B 78 -10.59 13.42 -14.27
C TRP B 78 -10.74 12.71 -15.60
N ALA B 79 -11.95 12.23 -15.92
CA ALA B 79 -12.12 11.42 -17.13
C ALA B 79 -11.62 12.15 -18.37
N ASP B 80 -12.12 13.36 -18.61
CA ASP B 80 -11.65 14.15 -19.75
C ASP B 80 -10.12 14.22 -19.79
N ASP B 81 -9.50 14.58 -18.67
CA ASP B 81 -8.06 14.78 -18.66
C ASP B 81 -7.30 13.46 -18.73
N LEU B 82 -7.89 12.37 -18.25
CA LEU B 82 -7.22 11.07 -18.37
C LEU B 82 -7.22 10.60 -19.82
N VAL B 83 -8.30 10.84 -20.55
CA VAL B 83 -8.34 10.47 -21.96
C VAL B 83 -7.31 11.28 -22.75
N LYS B 84 -7.16 12.57 -22.42
CA LYS B 84 -6.14 13.36 -23.10
C LYS B 84 -4.75 12.77 -22.88
N VAL B 85 -4.46 12.30 -21.66
CA VAL B 85 -3.17 11.67 -21.42
C VAL B 85 -2.99 10.44 -22.29
N CYS B 86 -4.06 9.66 -22.48
CA CYS B 86 -3.94 8.45 -23.30
C CYS B 86 -3.73 8.79 -24.76
N ILE B 87 -4.31 9.90 -25.23
CA ILE B 87 -4.05 10.37 -26.58
C ILE B 87 -2.62 10.87 -26.70
N GLU B 88 -2.20 11.74 -25.79
CA GLU B 88 -0.85 12.30 -25.83
C GLU B 88 0.20 11.20 -25.83
N GLU B 89 0.03 10.20 -24.97
CA GLU B 89 1.04 9.15 -24.81
C GLU B 89 0.81 7.94 -25.71
N LYS B 90 -0.12 8.02 -26.66
CA LYS B 90 -0.33 6.96 -27.65
C LYS B 90 -0.55 5.60 -26.98
N VAL B 91 -1.41 5.61 -25.96
CA VAL B 91 -1.82 4.38 -25.30
C VAL B 91 -2.53 3.50 -26.33
N PRO B 92 -2.05 2.27 -26.57
CA PRO B 92 -2.61 1.49 -27.69
C PRO B 92 -4.03 1.00 -27.46
N VAL B 93 -4.43 0.74 -26.21
CA VAL B 93 -5.76 0.23 -25.90
C VAL B 93 -6.30 1.00 -24.69
N VAL B 94 -7.55 1.44 -24.78
CA VAL B 94 -8.22 2.06 -23.64
C VAL B 94 -9.50 1.26 -23.36
N THR B 95 -9.67 0.85 -22.10
CA THR B 95 -10.97 0.33 -21.69
C THR B 95 -11.68 1.38 -20.84
N PHE B 96 -13.00 1.27 -20.79
CA PHE B 96 -13.86 2.22 -20.10
C PHE B 96 -14.83 1.48 -19.20
N GLY B 97 -15.16 2.10 -18.06
CA GLY B 97 -16.19 1.58 -17.19
C GLY B 97 -17.21 2.68 -16.89
N ALA B 98 -18.39 2.23 -16.45
CA ALA B 98 -19.43 3.09 -15.88
C ALA B 98 -20.11 3.97 -16.94
N GLY B 99 -20.41 3.40 -18.11
CA GLY B 99 -21.27 4.13 -19.03
C GLY B 99 -20.82 4.01 -20.46
N ASN B 100 -21.47 4.80 -21.32
CA ASN B 100 -21.17 4.79 -22.75
C ASN B 100 -20.10 5.83 -23.02
N PRO B 101 -18.91 5.45 -23.46
CA PRO B 101 -17.82 6.42 -23.62
C PRO B 101 -17.86 7.14 -24.95
N THR B 102 -19.04 7.19 -25.58
CA THR B 102 -19.14 7.62 -26.97
C THR B 102 -18.50 8.98 -27.21
N LYS B 103 -18.53 9.88 -26.22
CA LYS B 103 -17.95 11.21 -26.38
C LYS B 103 -16.46 11.16 -26.66
N TYR B 104 -15.78 10.11 -26.23
CA TYR B 104 -14.33 10.01 -26.39
C TYR B 104 -13.90 9.14 -27.55
N ILE B 105 -14.80 8.35 -28.14
CA ILE B 105 -14.36 7.27 -29.01
C ILE B 105 -13.75 7.82 -30.29
N ARG B 106 -14.29 8.91 -30.83
CA ARG B 106 -13.82 9.42 -32.11
C ARG B 106 -12.36 9.84 -32.04
N GLU B 107 -12.01 10.69 -31.08
CA GLU B 107 -10.63 11.19 -31.04
C GLU B 107 -9.66 10.09 -30.66
N LEU B 108 -10.08 9.12 -29.83
CA LEU B 108 -9.19 8.02 -29.48
C LEU B 108 -8.89 7.17 -30.71
N LYS B 109 -9.92 6.80 -31.47
CA LYS B 109 -9.71 5.97 -32.65
C LYS B 109 -8.91 6.70 -33.71
N GLU B 110 -9.19 7.99 -33.90
CA GLU B 110 -8.39 8.78 -34.83
C GLU B 110 -6.92 8.79 -34.45
N ASN B 111 -6.61 8.61 -33.18
CA ASN B 111 -5.23 8.56 -32.69
C ASN B 111 -4.65 7.15 -32.75
N GLY B 112 -5.38 6.19 -33.31
CA GLY B 112 -4.89 4.82 -33.41
C GLY B 112 -5.12 3.96 -32.19
N THR B 113 -5.94 4.41 -31.24
CA THR B 113 -6.21 3.65 -30.02
C THR B 113 -7.42 2.76 -30.22
N LYS B 114 -7.32 1.51 -29.76
CA LYS B 114 -8.47 0.61 -29.76
C LYS B 114 -9.28 0.85 -28.50
N VAL B 115 -10.60 0.96 -28.65
CA VAL B 115 -11.49 1.33 -27.54
C VAL B 115 -12.34 0.10 -27.19
N ILE B 116 -12.29 -0.32 -25.93
CA ILE B 116 -13.00 -1.52 -25.47
C ILE B 116 -13.78 -1.22 -24.20
N PRO B 117 -15.04 -0.85 -24.30
CA PRO B 117 -15.82 -0.56 -23.10
C PRO B 117 -16.18 -1.83 -22.34
N VAL B 118 -16.29 -1.69 -21.03
CA VAL B 118 -16.73 -2.76 -20.14
C VAL B 118 -18.22 -2.57 -19.87
N VAL B 119 -19.03 -3.59 -20.17
CA VAL B 119 -20.47 -3.49 -20.00
C VAL B 119 -20.98 -4.71 -19.25
N ALA B 120 -22.16 -4.58 -18.65
CA ALA B 120 -22.77 -5.68 -17.93
C ALA B 120 -24.18 -6.00 -18.43
N SER B 121 -24.56 -5.46 -19.59
CA SER B 121 -25.91 -5.61 -20.12
C SER B 121 -25.86 -5.73 -21.64
N ASP B 122 -26.91 -6.35 -22.20
CA ASP B 122 -27.00 -6.45 -23.65
C ASP B 122 -27.20 -5.08 -24.29
N SER B 123 -27.99 -4.20 -23.64
CA SER B 123 -28.28 -2.91 -24.25
C SER B 123 -27.04 -2.01 -24.32
N LEU B 124 -26.23 -1.97 -23.25
CA LEU B 124 -25.04 -1.12 -23.32
C LEU B 124 -24.03 -1.69 -24.31
N ALA B 125 -23.96 -3.01 -24.43
CA ALA B 125 -23.12 -3.64 -25.46
C ALA B 125 -23.51 -3.18 -26.85
N ARG B 126 -24.80 -3.23 -27.19
CA ARG B 126 -25.23 -2.75 -28.49
C ARG B 126 -24.95 -1.27 -28.65
N MET B 127 -25.17 -0.48 -27.59
CA MET B 127 -24.90 0.96 -27.67
C MET B 127 -23.43 1.25 -27.96
N VAL B 128 -22.51 0.60 -27.25
CA VAL B 128 -21.13 1.00 -27.49
C VAL B 128 -20.64 0.47 -28.84
N GLU B 129 -21.26 -0.59 -29.37
CA GLU B 129 -20.93 -0.99 -30.73
C GLU B 129 -21.37 0.10 -31.72
N ARG B 130 -22.59 0.61 -31.56
CA ARG B 130 -23.06 1.69 -32.41
C ARG B 130 -22.17 2.93 -32.28
N ALA B 131 -21.61 3.17 -31.08
CA ALA B 131 -20.76 4.34 -30.87
C ALA B 131 -19.36 4.18 -31.45
N GLY B 132 -18.99 3.00 -31.93
CA GLY B 132 -17.70 2.79 -32.57
C GLY B 132 -16.68 1.94 -31.83
N ALA B 133 -17.05 1.29 -30.73
CA ALA B 133 -16.11 0.45 -30.02
C ALA B 133 -15.50 -0.62 -30.94
N ASP B 134 -14.21 -0.89 -30.76
CA ASP B 134 -13.55 -1.96 -31.50
C ASP B 134 -13.84 -3.34 -30.91
N ALA B 135 -14.11 -3.42 -29.62
CA ALA B 135 -14.49 -4.67 -28.97
C ALA B 135 -15.24 -4.29 -27.70
N VAL B 136 -15.85 -5.28 -27.07
CA VAL B 136 -16.58 -5.01 -25.83
C VAL B 136 -16.26 -6.13 -24.84
N ILE B 137 -16.06 -5.74 -23.58
CA ILE B 137 -15.91 -6.68 -22.47
C ILE B 137 -17.28 -6.84 -21.83
N ALA B 138 -17.80 -8.07 -21.79
CA ALA B 138 -19.10 -8.37 -21.19
C ALA B 138 -18.85 -9.04 -19.84
N GLU B 139 -19.28 -8.40 -18.76
CA GLU B 139 -18.91 -8.77 -17.40
C GLU B 139 -20.11 -9.40 -16.70
N GLY B 140 -20.00 -10.68 -16.36
CA GLY B 140 -21.05 -11.35 -15.63
C GLY B 140 -21.06 -10.99 -14.16
N MET B 141 -22.22 -11.15 -13.53
CA MET B 141 -22.40 -10.66 -12.18
C MET B 141 -21.65 -11.48 -11.14
N GLU B 142 -21.04 -12.61 -11.52
CA GLU B 142 -20.18 -13.30 -10.57
C GLU B 142 -18.81 -12.63 -10.42
N SER B 143 -18.54 -11.56 -11.16
CA SER B 143 -17.26 -10.92 -10.95
C SER B 143 -17.28 -10.04 -9.70
N GLY B 144 -16.07 -9.64 -9.27
CA GLY B 144 -15.96 -8.76 -8.12
C GLY B 144 -16.24 -7.32 -8.48
N GLY B 145 -16.49 -6.50 -7.46
CA GLY B 145 -16.75 -5.09 -7.69
C GLY B 145 -18.19 -4.83 -8.09
N HIS B 146 -18.42 -3.68 -8.72
CA HIS B 146 -19.76 -3.34 -9.13
C HIS B 146 -20.22 -4.27 -10.24
N ILE B 147 -21.45 -4.79 -10.13
CA ILE B 147 -21.95 -5.84 -11.00
C ILE B 147 -23.30 -5.45 -11.57
N GLY B 148 -23.62 -6.03 -12.72
CA GLY B 148 -24.94 -5.94 -13.31
C GLY B 148 -25.84 -7.06 -12.82
N GLU B 149 -26.83 -7.41 -13.64
CA GLU B 149 -27.92 -8.31 -13.26
C GLU B 149 -27.85 -9.69 -13.89
N VAL B 150 -26.92 -9.94 -14.81
CA VAL B 150 -26.90 -11.15 -15.63
C VAL B 150 -25.60 -11.91 -15.40
N THR B 151 -25.68 -13.25 -15.38
CA THR B 151 -24.49 -14.06 -15.19
C THR B 151 -23.70 -14.20 -16.48
N THR B 152 -22.42 -14.54 -16.32
CA THR B 152 -21.54 -14.74 -17.47
C THR B 152 -22.11 -15.76 -18.44
N PHE B 153 -22.63 -16.88 -17.94
CA PHE B 153 -23.04 -17.97 -18.81
C PHE B 153 -24.11 -17.51 -19.79
N VAL B 154 -25.02 -16.65 -19.33
CA VAL B 154 -26.08 -16.15 -20.18
C VAL B 154 -25.65 -14.90 -20.93
N LEU B 155 -24.96 -13.99 -20.25
CA LEU B 155 -24.64 -12.68 -20.83
C LEU B 155 -23.73 -12.82 -22.04
N VAL B 156 -22.64 -13.59 -21.92
CA VAL B 156 -21.71 -13.71 -23.03
C VAL B 156 -22.41 -14.29 -24.25
N ASN B 157 -23.30 -15.26 -24.02
CA ASN B 157 -24.09 -15.82 -25.10
C ASN B 157 -24.93 -14.75 -25.80
N LYS B 158 -25.73 -14.00 -25.04
CA LYS B 158 -26.65 -13.06 -25.67
C LYS B 158 -25.90 -11.91 -26.33
N VAL B 159 -24.90 -11.36 -25.64
CA VAL B 159 -24.18 -10.21 -26.17
C VAL B 159 -23.47 -10.57 -27.46
N SER B 160 -22.83 -11.75 -27.49
CA SER B 160 -22.06 -12.10 -28.68
C SER B 160 -22.98 -12.39 -29.86
N ARG B 161 -24.23 -12.79 -29.61
CA ARG B 161 -25.22 -12.83 -30.70
C ARG B 161 -25.67 -11.42 -31.09
N SER B 162 -25.66 -10.46 -30.15
CA SER B 162 -26.22 -9.14 -30.43
C SER B 162 -25.27 -8.24 -31.20
N VAL B 163 -23.96 -8.40 -31.00
CA VAL B 163 -22.99 -7.48 -31.57
C VAL B 163 -22.06 -8.28 -32.47
N ASN B 164 -21.52 -7.60 -33.48
CA ASN B 164 -20.58 -8.22 -34.41
C ASN B 164 -19.12 -7.96 -34.05
N ILE B 165 -18.83 -6.88 -33.32
CA ILE B 165 -17.49 -6.65 -32.81
C ILE B 165 -17.13 -7.79 -31.88
N PRO B 166 -15.84 -8.06 -31.63
CA PRO B 166 -15.47 -9.16 -30.73
C PRO B 166 -15.90 -8.88 -29.30
N VAL B 167 -16.34 -9.94 -28.63
CA VAL B 167 -16.77 -9.88 -27.24
C VAL B 167 -15.70 -10.54 -26.38
N ILE B 168 -15.35 -9.89 -25.28
CA ILE B 168 -14.39 -10.40 -24.30
C ILE B 168 -15.17 -10.74 -23.04
N ALA B 169 -15.12 -12.00 -22.64
CA ALA B 169 -15.85 -12.44 -21.46
C ALA B 169 -15.05 -12.13 -20.19
N ALA B 170 -15.76 -11.67 -19.15
CA ALA B 170 -15.18 -11.39 -17.85
C ALA B 170 -16.15 -11.83 -16.76
N GLY B 171 -15.60 -12.39 -15.68
CA GLY B 171 -16.42 -12.81 -14.56
C GLY B 171 -16.55 -14.30 -14.49
N GLY B 172 -15.97 -14.92 -13.46
CA GLY B 172 -15.99 -16.35 -13.29
C GLY B 172 -14.89 -17.12 -13.99
N ILE B 173 -13.99 -16.45 -14.71
CA ILE B 173 -13.01 -17.13 -15.54
C ILE B 173 -11.65 -17.06 -14.84
N ALA B 174 -11.08 -18.22 -14.55
CA ALA B 174 -9.77 -18.25 -13.92
C ALA B 174 -8.89 -19.39 -14.44
N ASP B 175 -9.32 -20.15 -15.44
CA ASP B 175 -8.53 -21.26 -15.92
C ASP B 175 -8.84 -21.52 -17.39
N GLY B 176 -8.21 -22.55 -17.95
CA GLY B 176 -8.35 -22.82 -19.36
C GLY B 176 -9.69 -23.40 -19.75
N ARG B 177 -10.28 -24.23 -18.88
CA ARG B 177 -11.62 -24.70 -19.22
C ARG B 177 -12.62 -23.56 -19.15
N GLY B 178 -12.41 -22.58 -18.27
CA GLY B 178 -13.21 -21.37 -18.32
C GLY B 178 -13.01 -20.59 -19.60
N MET B 179 -11.76 -20.49 -20.07
CA MET B 179 -11.52 -19.80 -21.34
C MET B 179 -12.23 -20.52 -22.49
N ALA B 180 -12.17 -21.85 -22.50
CA ALA B 180 -12.84 -22.61 -23.56
C ALA B 180 -14.35 -22.44 -23.49
N ALA B 181 -14.90 -22.42 -22.28
CA ALA B 181 -16.34 -22.23 -22.12
C ALA B 181 -16.76 -20.85 -22.58
N ALA B 182 -15.99 -19.81 -22.22
CA ALA B 182 -16.29 -18.47 -22.69
C ALA B 182 -16.29 -18.41 -24.22
N PHE B 183 -15.32 -19.07 -24.86
CA PHE B 183 -15.28 -19.08 -26.32
C PHE B 183 -16.48 -19.80 -26.90
N ALA B 184 -16.88 -20.92 -26.29
CA ALA B 184 -18.07 -21.64 -26.74
C ALA B 184 -19.30 -20.74 -26.72
N LEU B 185 -19.41 -19.87 -25.71
CA LEU B 185 -20.54 -18.95 -25.60
C LEU B 185 -20.47 -17.80 -26.61
N GLY B 186 -19.36 -17.65 -27.31
CA GLY B 186 -19.21 -16.63 -28.34
C GLY B 186 -18.09 -15.62 -28.10
N ALA B 187 -17.39 -15.68 -26.97
CA ALA B 187 -16.29 -14.75 -26.74
C ALA B 187 -15.07 -15.12 -27.58
N GLU B 188 -14.24 -14.12 -27.85
CA GLU B 188 -12.98 -14.31 -28.56
C GLU B 188 -11.76 -13.89 -27.75
N ALA B 189 -11.97 -13.48 -26.50
CA ALA B 189 -10.91 -13.32 -25.52
C ALA B 189 -11.56 -13.39 -24.15
N VAL B 190 -10.72 -13.48 -23.11
CA VAL B 190 -11.21 -13.46 -21.73
C VAL B 190 -10.42 -12.44 -20.94
N GLN B 191 -11.07 -11.89 -19.93
CA GLN B 191 -10.45 -11.03 -18.94
C GLN B 191 -10.50 -11.73 -17.59
N MET B 192 -9.37 -11.82 -16.89
CA MET B 192 -9.27 -12.61 -15.66
C MET B 192 -8.62 -11.78 -14.55
N GLY B 193 -9.35 -10.83 -13.97
CA GLY B 193 -8.74 -9.95 -12.99
C GLY B 193 -8.21 -10.68 -11.76
N THR B 194 -9.06 -11.49 -11.13
CA THR B 194 -8.68 -12.09 -9.85
C THR B 194 -7.52 -13.05 -10.05
N ARG B 195 -7.49 -13.76 -11.17
CA ARG B 195 -6.42 -14.73 -11.42
C ARG B 195 -5.06 -14.04 -11.49
N PHE B 196 -4.99 -12.86 -12.12
CA PHE B 196 -3.72 -12.17 -12.23
C PHE B 196 -3.36 -11.36 -10.98
N VAL B 197 -4.34 -11.03 -10.14
CA VAL B 197 -3.97 -10.47 -8.83
C VAL B 197 -3.30 -11.55 -7.99
N ALA B 198 -3.78 -12.79 -8.10
CA ALA B 198 -3.17 -13.93 -7.44
C ALA B 198 -1.94 -14.38 -8.22
N SER B 199 -1.01 -13.47 -8.49
CA SER B 199 0.24 -13.81 -9.15
C SER B 199 1.42 -13.35 -8.31
N VAL B 200 2.60 -13.89 -8.61
CA VAL B 200 3.80 -13.47 -7.90
C VAL B 200 4.12 -12.01 -8.19
N GLU B 201 4.00 -11.61 -9.46
CA GLU B 201 4.39 -10.26 -9.87
C GLU B 201 3.45 -9.19 -9.33
N SER B 202 2.18 -9.53 -9.08
CA SER B 202 1.26 -8.55 -8.50
C SER B 202 1.81 -7.97 -7.21
N ASP B 203 1.71 -6.64 -7.06
CA ASP B 203 2.21 -5.97 -5.86
C ASP B 203 1.09 -5.55 -4.92
N VAL B 204 -0.07 -6.22 -4.98
CA VAL B 204 -1.06 -6.05 -3.92
C VAL B 204 -0.51 -6.67 -2.63
N HIS B 205 -1.08 -6.26 -1.51
CA HIS B 205 -0.63 -6.72 -0.20
C HIS B 205 -0.77 -8.24 -0.10
N PRO B 206 0.17 -8.93 0.55
CA PRO B 206 0.11 -10.41 0.62
C PRO B 206 -1.20 -10.95 1.15
N VAL B 207 -1.82 -10.26 2.12
CA VAL B 207 -3.09 -10.73 2.66
C VAL B 207 -4.16 -10.80 1.59
N TYR B 208 -4.12 -9.87 0.63
CA TYR B 208 -5.09 -9.89 -0.47
C TYR B 208 -4.93 -11.14 -1.31
N LYS B 209 -3.68 -11.47 -1.66
CA LYS B 209 -3.43 -12.72 -2.39
C LYS B 209 -3.87 -13.93 -1.56
N GLU B 210 -3.57 -13.90 -0.26
CA GLU B 210 -3.90 -15.03 0.60
C GLU B 210 -5.41 -15.23 0.70
N LYS B 211 -6.15 -14.14 0.76
CA LYS B 211 -7.60 -14.22 0.83
C LYS B 211 -8.20 -14.82 -0.44
N ILE B 212 -7.66 -14.44 -1.60
CA ILE B 212 -8.09 -15.05 -2.85
C ILE B 212 -7.86 -16.55 -2.81
N VAL B 213 -6.66 -16.96 -2.40
CA VAL B 213 -6.32 -18.39 -2.37
C VAL B 213 -7.26 -19.14 -1.44
N LYS B 214 -7.46 -18.62 -0.23
CA LYS B 214 -8.29 -19.33 0.74
C LYS B 214 -9.78 -19.28 0.40
N ALA B 215 -10.22 -18.32 -0.40
CA ALA B 215 -11.64 -18.15 -0.63
C ALA B 215 -12.20 -19.30 -1.46
N SER B 216 -13.42 -19.71 -1.12
CA SER B 216 -14.16 -20.70 -1.89
C SER B 216 -15.13 -20.00 -2.85
N ILE B 217 -15.81 -20.79 -3.69
CA ILE B 217 -16.73 -20.21 -4.65
C ILE B 217 -17.92 -19.52 -3.98
N ARG B 218 -18.23 -19.86 -2.73
CA ARG B 218 -19.36 -19.23 -2.05
C ARG B 218 -18.96 -18.14 -1.04
N ASP B 219 -17.69 -17.72 -1.03
CA ASP B 219 -17.23 -16.79 -0.01
C ASP B 219 -17.39 -15.32 -0.39
N THR B 220 -18.12 -15.00 -1.44
CA THR B 220 -18.40 -13.58 -1.72
C THR B 220 -19.85 -13.27 -1.36
N VAL B 221 -20.11 -11.97 -1.20
CA VAL B 221 -21.40 -11.45 -0.79
C VAL B 221 -21.64 -10.18 -1.60
N VAL B 222 -22.89 -9.95 -2.01
CA VAL B 222 -23.24 -8.75 -2.77
C VAL B 222 -23.76 -7.73 -1.77
N THR B 223 -23.14 -6.56 -1.74
CA THR B 223 -23.52 -5.48 -0.84
C THR B 223 -23.95 -4.27 -1.68
N GLY B 224 -24.63 -3.34 -1.04
CA GLY B 224 -25.07 -2.14 -1.72
C GLY B 224 -26.35 -2.26 -2.51
N ALA B 225 -26.94 -3.45 -2.61
CA ALA B 225 -28.20 -3.62 -3.33
C ALA B 225 -29.32 -2.81 -2.66
N HIS B 229 -26.68 0.14 -6.51
CA HIS B 229 -25.28 -0.03 -6.89
C HIS B 229 -24.66 -1.28 -6.25
N PRO B 230 -25.13 -2.46 -6.65
CA PRO B 230 -24.64 -3.69 -6.01
C PRO B 230 -23.18 -3.94 -6.35
N ALA B 231 -22.44 -4.49 -5.38
CA ALA B 231 -21.01 -4.73 -5.53
C ALA B 231 -20.66 -6.04 -4.83
N ARG B 232 -19.91 -6.89 -5.52
CA ARG B 232 -19.52 -8.18 -4.96
C ARG B 232 -18.17 -8.07 -4.27
N VAL B 233 -18.11 -8.48 -3.01
CA VAL B 233 -16.85 -8.47 -2.26
C VAL B 233 -16.74 -9.75 -1.45
N LEU B 234 -15.52 -10.05 -1.02
CA LEU B 234 -15.33 -11.16 -0.09
C LEU B 234 -16.09 -10.89 1.19
N ARG B 235 -16.68 -11.94 1.76
CA ARG B 235 -17.43 -11.85 3.01
C ARG B 235 -16.43 -11.76 4.16
N THR B 236 -15.95 -10.54 4.39
CA THR B 236 -14.99 -10.20 5.43
C THR B 236 -15.65 -9.34 6.50
N PRO B 237 -14.94 -9.05 7.62
CA PRO B 237 -15.58 -8.21 8.66
C PRO B 237 -16.14 -6.90 8.13
N PHE B 238 -15.41 -6.21 7.26
CA PHE B 238 -15.91 -4.94 6.76
C PHE B 238 -17.14 -5.13 5.89
N ALA B 239 -17.15 -6.16 5.04
CA ALA B 239 -18.37 -6.46 4.27
C ALA B 239 -19.55 -6.68 5.21
N ARG B 240 -19.34 -7.36 6.33
CA ARG B 240 -20.44 -7.59 7.26
C ARG B 240 -20.87 -6.29 7.93
N LYS B 241 -19.92 -5.42 8.24
CA LYS B 241 -20.28 -4.09 8.73
C LYS B 241 -21.15 -3.34 7.74
N ILE B 242 -20.81 -3.40 6.44
CA ILE B 242 -21.62 -2.72 5.43
C ILE B 242 -23.05 -3.24 5.45
N GLN B 243 -23.21 -4.55 5.54
CA GLN B 243 -24.55 -5.15 5.51
C GLN B 243 -25.40 -4.65 6.67
N GLU B 244 -24.85 -4.66 7.88
CA GLU B 244 -25.62 -4.31 9.08
C GLU B 244 -26.11 -2.86 9.06
N GLU B 255 -19.10 6.98 1.94
CA GLU B 255 -19.19 7.20 3.37
C GLU B 255 -18.29 6.20 4.13
N MET B 256 -18.88 5.07 4.53
CA MET B 256 -18.09 3.96 5.03
C MET B 256 -17.10 3.49 3.97
N LEU B 257 -17.52 3.54 2.71
CA LEU B 257 -16.81 2.90 1.62
C LEU B 257 -15.62 3.71 1.12
N VAL B 258 -15.60 5.02 1.36
CA VAL B 258 -14.54 5.89 0.85
C VAL B 258 -13.21 5.33 1.30
N GLY B 259 -12.37 4.96 0.33
CA GLY B 259 -11.02 4.49 0.59
C GLY B 259 -10.90 3.02 0.96
N SER B 260 -12.02 2.30 1.10
CA SER B 260 -11.97 0.94 1.63
C SER B 260 -11.31 -0.02 0.66
N LEU B 261 -11.38 0.26 -0.64
CA LEU B 261 -10.72 -0.60 -1.63
C LEU B 261 -9.21 -0.59 -1.46
N ARG B 262 -8.63 0.61 -1.35
CA ARG B 262 -7.18 0.68 -1.13
C ARG B 262 -6.79 0.04 0.19
N ARG B 263 -7.63 0.18 1.23
CA ARG B 263 -7.34 -0.45 2.51
C ARG B 263 -7.19 -1.95 2.37
N ALA B 264 -7.97 -2.56 1.47
CA ALA B 264 -7.81 -3.98 1.20
C ALA B 264 -6.60 -4.23 0.32
N VAL B 265 -6.51 -3.54 -0.81
CA VAL B 265 -5.51 -3.88 -1.81
C VAL B 265 -4.09 -3.56 -1.32
N VAL B 266 -3.90 -2.38 -0.75
CA VAL B 266 -2.55 -1.93 -0.38
C VAL B 266 -2.24 -2.25 1.08
N GLU B 267 -3.21 -2.17 1.99
CA GLU B 267 -2.91 -2.42 3.39
C GLU B 267 -3.32 -3.80 3.88
N GLY B 268 -4.00 -4.60 3.04
CA GLY B 268 -4.44 -5.93 3.47
C GLY B 268 -5.29 -5.90 4.72
N ASP B 269 -6.11 -4.87 4.87
CA ASP B 269 -6.83 -4.64 6.12
C ASP B 269 -8.14 -5.43 6.09
N LEU B 270 -8.22 -6.47 6.94
CA LEU B 270 -9.42 -7.31 6.97
C LEU B 270 -10.57 -6.62 7.69
N GLU B 271 -10.27 -5.71 8.62
CA GLU B 271 -11.32 -5.06 9.38
C GLU B 271 -11.98 -3.92 8.62
N ARG B 272 -11.23 -3.23 7.75
CA ARG B 272 -11.71 -2.02 7.09
C ARG B 272 -11.63 -2.06 5.56
N GLY B 273 -11.12 -3.13 4.98
CA GLY B 273 -10.89 -3.20 3.54
C GLY B 273 -12.07 -3.83 2.81
N SER B 274 -12.31 -3.34 1.59
CA SER B 274 -13.26 -3.95 0.66
C SER B 274 -12.48 -4.82 -0.31
N PHE B 275 -12.69 -6.14 -0.25
CA PHE B 275 -11.96 -7.08 -1.09
C PHE B 275 -12.85 -7.42 -2.29
N ALA B 276 -12.70 -6.64 -3.36
CA ALA B 276 -13.59 -6.74 -4.52
C ALA B 276 -13.11 -7.86 -5.45
N VAL B 277 -13.34 -9.11 -5.02
CA VAL B 277 -12.98 -10.27 -5.81
C VAL B 277 -14.26 -11.07 -6.09
N GLY B 278 -14.27 -11.79 -7.21
CA GLY B 278 -15.46 -12.48 -7.67
C GLY B 278 -15.49 -13.96 -7.30
N GLN B 279 -16.53 -14.66 -7.81
CA GLN B 279 -16.68 -16.06 -7.45
C GLN B 279 -15.53 -16.91 -7.99
N SER B 280 -14.81 -16.42 -9.00
CA SER B 280 -13.65 -17.15 -9.52
C SER B 280 -12.55 -17.33 -8.48
N ALA B 281 -12.60 -16.61 -7.36
CA ALA B 281 -11.60 -16.80 -6.32
C ALA B 281 -11.60 -18.24 -5.82
N GLY B 282 -12.76 -18.90 -5.82
CA GLY B 282 -12.83 -20.28 -5.40
C GLY B 282 -12.25 -21.26 -6.40
N LEU B 283 -11.81 -20.78 -7.56
CA LEU B 283 -11.12 -21.58 -8.55
C LEU B 283 -9.61 -21.36 -8.51
N ILE B 284 -9.13 -20.58 -7.56
CA ILE B 284 -7.72 -20.20 -7.47
C ILE B 284 -7.16 -20.76 -6.16
N ASP B 285 -6.20 -21.68 -6.29
CA ASP B 285 -5.68 -22.39 -5.14
C ASP B 285 -4.20 -22.14 -4.87
N GLU B 286 -3.51 -21.41 -5.73
CA GLU B 286 -2.11 -21.09 -5.46
C GLU B 286 -1.75 -19.81 -6.18
N ILE B 287 -0.76 -19.14 -5.64
CA ILE B 287 -0.18 -17.97 -6.30
C ILE B 287 0.90 -18.46 -7.24
N LYS B 288 0.85 -18.02 -8.49
CA LYS B 288 1.79 -18.46 -9.50
C LYS B 288 2.35 -17.26 -10.26
N PRO B 289 3.51 -17.42 -10.91
CA PRO B 289 4.01 -16.34 -11.76
C PRO B 289 3.14 -16.17 -13.00
N VAL B 290 3.11 -14.93 -13.50
CA VAL B 290 2.20 -14.58 -14.59
C VAL B 290 2.44 -15.47 -15.80
N LYS B 291 3.71 -15.72 -16.14
CA LYS B 291 4.04 -16.61 -17.25
C LYS B 291 3.39 -17.98 -17.08
N GLN B 292 3.52 -18.56 -15.89
CA GLN B 292 2.97 -19.90 -15.66
C GLN B 292 1.44 -19.89 -15.73
N ILE B 293 0.82 -18.83 -15.21
CA ILE B 293 -0.64 -18.72 -15.27
C ILE B 293 -1.11 -18.79 -16.72
N ILE B 294 -0.49 -18.00 -17.60
CA ILE B 294 -0.94 -17.97 -18.99
C ILE B 294 -0.62 -19.29 -19.69
N GLU B 295 0.55 -19.86 -19.41
CA GLU B 295 0.88 -21.16 -19.99
C GLU B 295 -0.11 -22.23 -19.56
N ASP B 296 -0.44 -22.32 -18.27
CA ASP B 296 -1.39 -23.34 -17.84
C ASP B 296 -2.77 -23.11 -18.45
N ILE B 297 -3.17 -21.85 -18.62
CA ILE B 297 -4.47 -21.55 -19.20
C ILE B 297 -4.55 -22.07 -20.63
N LEU B 298 -3.60 -21.63 -21.46
CA LEU B 298 -3.59 -22.01 -22.87
C LEU B 298 -3.52 -23.51 -23.03
N LYS B 299 -2.74 -24.14 -22.15
CA LYS B 299 -2.54 -25.58 -22.18
C LYS B 299 -3.84 -26.31 -21.83
N GLU B 300 -4.51 -25.90 -20.75
CA GLU B 300 -5.78 -26.51 -20.40
C GLU B 300 -6.87 -26.19 -21.43
N PHE B 301 -6.77 -25.01 -22.06
CA PHE B 301 -7.67 -24.66 -23.15
C PHE B 301 -7.60 -25.72 -24.26
N LYS B 302 -6.39 -26.04 -24.73
CA LYS B 302 -6.23 -27.03 -25.79
C LYS B 302 -6.80 -28.38 -25.36
N GLU B 303 -6.48 -28.82 -24.15
CA GLU B 303 -7.03 -30.08 -23.65
C GLU B 303 -8.54 -30.05 -23.68
N THR B 304 -9.13 -28.97 -23.19
CA THR B 304 -10.58 -28.88 -23.15
C THR B 304 -11.17 -28.98 -24.55
N VAL B 305 -10.54 -28.32 -25.52
CA VAL B 305 -11.01 -28.39 -26.90
C VAL B 305 -10.84 -29.80 -27.45
N GLU B 306 -9.67 -30.42 -27.22
CA GLU B 306 -9.47 -31.81 -27.62
C GLU B 306 -10.50 -32.74 -26.99
N LYS B 307 -10.90 -32.47 -25.74
CA LYS B 307 -11.91 -33.30 -25.09
C LYS B 307 -13.27 -33.16 -25.77
N LEU B 308 -13.66 -31.93 -26.10
CA LEU B 308 -14.93 -31.73 -26.79
C LEU B 308 -14.95 -32.46 -28.14
N ARG B 309 -13.82 -32.40 -28.87
CA ARG B 309 -13.61 -33.24 -30.06
C ARG B 309 -14.05 -34.68 -29.82
N GLY B 310 -13.62 -35.27 -28.71
CA GLY B 310 -13.84 -36.70 -28.49
C GLY B 310 -15.29 -37.09 -28.34
N TYR B 311 -16.16 -36.16 -27.92
CA TYR B 311 -17.57 -36.48 -27.92
C TYR B 311 -18.14 -36.54 -29.33
N ILE B 312 -17.42 -36.00 -30.30
CA ILE B 312 -17.81 -36.09 -31.70
C ILE B 312 -16.94 -37.11 -32.41
NA NA C . 5.37 21.03 6.03
NA NA D . -9.42 -19.68 -3.60
#